data_8OFE
#
_entry.id   8OFE
#
_cell.length_a   54.620
_cell.length_b   54.620
_cell.length_c   231.730
_cell.angle_alpha   90.000
_cell.angle_beta   90.000
_cell.angle_gamma   120.000
#
_symmetry.space_group_name_H-M   'P 61 2 2'
#
loop_
_entity.id
_entity.type
_entity.pdbx_description
1 polymer 'Peptide deformylase'
2 non-polymer (2R)-2-[[methanoyl(oxidanyl)amino]methyl]-N-[(2S)-3-methyl-1-oxidanylidene-1-[2-(sulfanylmethyl)pyrrolidin-1-yl]butan-2-yl]heptanamide
3 non-polymer 'ZINC ION'
4 water water
#
_entity_poly.entity_id   1
_entity_poly.type   'polypeptide(L)'
_entity_poly.pdbx_seq_one_letter_code
;GHMSVLQVLHIPDERLRKVAKPVEEVNAEIQRIVDDMFETMYAEEGIGLAATQVDIHQRIIVIDVSENRDERLVLINPEL
LEKSGETGIEEGCLSIPEQRALVPRAEKVKIRALDRDGKPFELEADGLLAICIQHEMDHLVGKLFMDYLSPLKQQRIRQK
VEKLDRLKARA
;
_entity_poly.pdbx_strand_id   A
#
loop_
_chem_comp.id
_chem_comp.type
_chem_comp.name
_chem_comp.formula
VLK non-polymer (2R)-2-[[methanoyl(oxidanyl)amino]methyl]-N-[(2S)-3-methyl-1-oxidanylidene-1-[2-(sulfanylmethyl)pyrrolidin-1-yl]butan-2-yl]heptanamide 'C19 H35 N3 O4 S'
ZN non-polymer 'ZINC ION' 'Zn 2'
#
# COMPACT_ATOMS: atom_id res chain seq x y z
N SER A 4 -5.50 -17.76 3.43
CA SER A 4 -5.14 -16.78 4.50
C SER A 4 -3.99 -15.89 4.01
N VAL A 5 -2.82 -16.49 3.81
CA VAL A 5 -1.69 -15.73 3.27
C VAL A 5 -1.74 -15.80 1.75
N LEU A 6 -2.24 -14.71 1.17
CA LEU A 6 -2.32 -14.52 -0.26
C LEU A 6 -0.91 -14.37 -0.86
N GLN A 7 -0.82 -14.50 -2.17
CA GLN A 7 0.47 -14.36 -2.84
C GLN A 7 0.71 -12.89 -3.15
N VAL A 8 1.84 -12.34 -2.69
CA VAL A 8 2.24 -10.97 -2.98
C VAL A 8 3.01 -10.94 -4.31
N LEU A 9 2.53 -10.13 -5.24
CA LEU A 9 3.16 -10.01 -6.55
C LEU A 9 4.43 -9.15 -6.46
N HIS A 10 5.42 -9.48 -7.28
CA HIS A 10 6.65 -8.72 -7.36
C HIS A 10 6.82 -8.17 -8.76
N ILE A 11 7.46 -7.01 -8.87
CA ILE A 11 7.79 -6.51 -10.21
C ILE A 11 8.60 -7.56 -10.95
N PRO A 12 8.47 -7.67 -12.27
CA PRO A 12 7.79 -6.75 -13.20
C PRO A 12 6.36 -7.10 -13.56
N ASP A 13 5.62 -7.78 -12.70
CA ASP A 13 4.27 -8.26 -13.00
C ASP A 13 3.36 -7.11 -13.38
N GLU A 14 2.79 -7.16 -14.60
CA GLU A 14 1.95 -6.05 -15.04
C GLU A 14 0.70 -5.89 -14.20
N ARG A 15 0.31 -6.91 -13.43
CA ARG A 15 -0.83 -6.76 -12.53
C ARG A 15 -0.57 -5.66 -11.50
N LEU A 16 0.69 -5.41 -11.15
CA LEU A 16 0.97 -4.29 -10.26
C LEU A 16 0.66 -2.93 -10.87
N ARG A 17 0.45 -2.85 -12.19
CA ARG A 17 0.06 -1.58 -12.80
C ARG A 17 -1.43 -1.44 -13.01
N LYS A 18 -2.23 -2.40 -12.55
CA LYS A 18 -3.68 -2.31 -12.72
C LYS A 18 -4.29 -1.33 -11.74
N VAL A 19 -5.34 -0.65 -12.20
CA VAL A 19 -6.03 0.39 -11.46
C VAL A 19 -7.28 -0.25 -10.85
N ALA A 20 -7.34 -0.25 -9.53
CA ALA A 20 -8.41 -0.94 -8.82
C ALA A 20 -9.76 -0.23 -9.00
N LYS A 21 -10.84 -1.03 -9.04
CA LYS A 21 -12.19 -0.51 -9.02
C LYS A 21 -12.64 -0.19 -7.60
N PRO A 22 -13.55 0.76 -7.44
CA PRO A 22 -14.13 0.98 -6.10
C PRO A 22 -14.90 -0.24 -5.61
N VAL A 23 -14.82 -0.46 -4.29
CA VAL A 23 -15.69 -1.44 -3.66
C VAL A 23 -17.14 -0.95 -3.72
N GLU A 24 -18.03 -1.83 -4.18
CA GLU A 24 -19.42 -1.46 -4.34
C GLU A 24 -20.23 -1.61 -3.07
N GLU A 25 -19.93 -2.63 -2.25
CA GLU A 25 -20.61 -2.82 -0.97
C GLU A 25 -19.62 -3.47 -0.01
N VAL A 26 -19.54 -2.98 1.21
CA VAL A 26 -18.69 -3.61 2.22
C VAL A 26 -19.51 -4.73 2.86
N ASN A 27 -19.28 -5.96 2.39
CA ASN A 27 -20.03 -7.14 2.81
C ASN A 27 -19.07 -8.18 3.41
N ALA A 28 -19.60 -9.37 3.71
CA ALA A 28 -18.76 -10.39 4.35
C ALA A 28 -17.58 -10.79 3.48
N GLU A 29 -17.75 -10.81 2.16
CA GLU A 29 -16.64 -11.13 1.27
C GLU A 29 -15.54 -10.07 1.40
N ILE A 30 -15.91 -8.80 1.39
CA ILE A 30 -14.90 -7.74 1.53
C ILE A 30 -14.22 -7.83 2.88
N GLN A 31 -14.99 -8.15 3.93
CA GLN A 31 -14.36 -8.30 5.25
C GLN A 31 -13.38 -9.47 5.30
N ARG A 32 -13.68 -10.58 4.62
CA ARG A 32 -12.72 -11.68 4.52
C ARG A 32 -11.44 -11.25 3.79
N ILE A 33 -11.58 -10.48 2.71
CA ILE A 33 -10.40 -10.01 2.00
C ILE A 33 -9.55 -9.15 2.92
N VAL A 34 -10.19 -8.22 3.65
CA VAL A 34 -9.47 -7.38 4.59
C VAL A 34 -8.71 -8.25 5.58
N ASP A 35 -9.37 -9.27 6.14
CA ASP A 35 -8.71 -10.07 7.15
C ASP A 35 -7.55 -10.86 6.57
N ASP A 36 -7.71 -11.37 5.35
CA ASP A 36 -6.62 -12.08 4.70
C ASP A 36 -5.47 -11.16 4.37
N MET A 37 -5.78 -9.92 3.98
CA MET A 37 -4.73 -8.94 3.69
C MET A 37 -3.93 -8.61 4.94
N PHE A 38 -4.59 -8.45 6.10
CA PHE A 38 -3.81 -8.27 7.32
C PHE A 38 -2.92 -9.47 7.60
N GLU A 39 -3.45 -10.70 7.47
N GLU A 39 -3.47 -10.69 7.51
CA GLU A 39 -2.65 -11.88 7.77
CA GLU A 39 -2.68 -11.90 7.73
C GLU A 39 -1.44 -11.97 6.84
C GLU A 39 -1.43 -11.88 6.86
N THR A 40 -1.62 -11.60 5.57
CA THR A 40 -0.50 -11.54 4.63
C THR A 40 0.50 -10.46 5.00
N MET A 41 0.00 -9.26 5.29
CA MET A 41 0.85 -8.14 5.65
C MET A 41 1.75 -8.48 6.83
N TYR A 42 1.16 -9.01 7.90
CA TYR A 42 1.94 -9.34 9.09
C TYR A 42 2.91 -10.48 8.81
N ALA A 43 2.48 -11.48 8.02
CA ALA A 43 3.38 -12.59 7.71
C ALA A 43 4.60 -12.12 6.92
N GLU A 44 4.45 -11.06 6.11
CA GLU A 44 5.56 -10.51 5.32
C GLU A 44 6.28 -9.38 6.03
N GLU A 45 5.90 -9.10 7.27
CA GLU A 45 6.51 -8.06 8.10
C GLU A 45 6.28 -6.67 7.51
N GLY A 46 5.15 -6.46 6.87
CA GLY A 46 4.84 -5.16 6.32
C GLY A 46 4.06 -4.30 7.28
N ILE A 47 4.01 -3.00 7.00
CA ILE A 47 3.17 -2.05 7.73
C ILE A 47 1.99 -1.58 6.89
N GLY A 48 1.93 -1.99 5.62
CA GLY A 48 0.76 -1.71 4.82
C GLY A 48 0.70 -2.72 3.72
N LEU A 49 -0.46 -2.82 3.08
CA LEU A 49 -0.65 -3.70 1.94
C LEU A 49 -1.87 -3.20 1.18
N ALA A 50 -1.75 -3.14 -0.15
CA ALA A 50 -2.84 -2.74 -1.01
C ALA A 50 -3.37 -3.94 -1.77
N ALA A 51 -4.67 -3.91 -2.06
CA ALA A 51 -5.28 -5.09 -2.69
C ALA A 51 -4.61 -5.45 -4.02
N THR A 52 -4.18 -4.45 -4.78
CA THR A 52 -3.53 -4.70 -6.06
C THR A 52 -2.29 -5.56 -5.90
N GLN A 53 -1.63 -5.49 -4.73
CA GLN A 53 -0.41 -6.29 -4.54
C GLN A 53 -0.70 -7.78 -4.41
N VAL A 54 -1.95 -8.14 -4.11
CA VAL A 54 -2.34 -9.55 -3.97
C VAL A 54 -3.32 -9.94 -5.08
N ASP A 55 -3.37 -9.16 -6.15
CA ASP A 55 -4.14 -9.51 -7.33
C ASP A 55 -5.64 -9.38 -7.10
N ILE A 56 -6.03 -8.46 -6.22
CA ILE A 56 -7.43 -8.13 -5.98
C ILE A 56 -7.66 -6.71 -6.50
N HIS A 57 -8.55 -6.56 -7.47
CA HIS A 57 -8.65 -5.29 -8.19
C HIS A 57 -9.74 -4.40 -7.60
N GLN A 58 -9.66 -4.19 -6.29
CA GLN A 58 -10.60 -3.37 -5.53
C GLN A 58 -9.82 -2.40 -4.66
N ARG A 59 -10.43 -1.25 -4.37
CA ARG A 59 -9.77 -0.18 -3.62
C ARG A 59 -9.83 -0.50 -2.12
N ILE A 60 -8.92 -1.39 -1.69
CA ILE A 60 -8.83 -1.83 -0.29
C ILE A 60 -7.37 -1.75 0.13
N ILE A 61 -7.13 -1.09 1.25
CA ILE A 61 -5.81 -0.99 1.88
C ILE A 61 -5.92 -1.39 3.34
N VAL A 62 -4.92 -2.13 3.82
CA VAL A 62 -4.76 -2.38 5.24
C VAL A 62 -3.42 -1.80 5.69
N ILE A 63 -3.39 -1.22 6.88
CA ILE A 63 -2.19 -0.60 7.45
C ILE A 63 -2.09 -0.94 8.93
N ASP A 64 -0.88 -1.19 9.41
CA ASP A 64 -0.65 -1.15 10.85
C ASP A 64 0.79 -0.72 11.06
N VAL A 65 0.98 0.49 11.59
CA VAL A 65 2.32 1.03 11.81
C VAL A 65 2.80 0.81 13.23
N SER A 66 2.02 0.06 14.03
CA SER A 66 2.38 -0.15 15.44
C SER A 66 3.42 -1.25 15.63
N GLU A 67 4.23 -1.07 16.66
CA GLU A 67 5.24 -2.07 16.95
C GLU A 67 4.58 -3.39 17.33
N ASN A 68 3.50 -3.34 18.11
CA ASN A 68 2.87 -4.55 18.65
C ASN A 68 1.80 -5.13 17.76
N ARG A 69 1.65 -4.59 16.55
CA ARG A 69 0.82 -5.23 15.55
C ARG A 69 -0.63 -5.33 16.03
N ASP A 70 -1.11 -4.26 16.67
CA ASP A 70 -2.43 -4.26 17.28
C ASP A 70 -3.19 -2.97 17.00
N GLU A 71 -2.87 -2.30 15.90
CA GLU A 71 -3.51 -1.03 15.55
C GLU A 71 -3.92 -1.11 14.07
N ARG A 72 -4.98 -1.82 13.79
CA ARG A 72 -5.44 -2.10 12.43
C ARG A 72 -6.21 -0.94 11.81
N LEU A 73 -5.68 -0.40 10.71
CA LEU A 73 -6.33 0.66 9.97
C LEU A 73 -6.77 0.08 8.64
N VAL A 74 -8.05 0.23 8.32
CA VAL A 74 -8.63 -0.23 7.06
C VAL A 74 -9.08 0.99 6.27
N LEU A 75 -8.62 1.06 5.03
CA LEU A 75 -9.04 2.13 4.12
C LEU A 75 -9.70 1.49 2.92
N ILE A 76 -11.03 1.56 2.85
CA ILE A 76 -11.77 1.11 1.69
C ILE A 76 -12.24 2.35 0.95
N ASN A 77 -12.05 2.35 -0.38
CA ASN A 77 -12.38 3.49 -1.22
C ASN A 77 -11.80 4.80 -0.67
N PRO A 78 -10.52 4.84 -0.35
CA PRO A 78 -9.96 6.06 0.24
C PRO A 78 -9.97 7.22 -0.75
N GLU A 79 -10.16 8.41 -0.20
CA GLU A 79 -10.16 9.66 -0.95
C GLU A 79 -9.19 10.60 -0.26
N LEU A 80 -8.28 11.21 -1.03
CA LEU A 80 -7.38 12.22 -0.48
C LEU A 80 -8.08 13.57 -0.57
N LEU A 81 -8.37 14.17 0.58
CA LEU A 81 -9.04 15.47 0.63
C LEU A 81 -8.05 16.64 0.61
N GLU A 82 -6.94 16.50 1.30
CA GLU A 82 -5.97 17.59 1.45
C GLU A 82 -4.63 17.00 1.78
N LYS A 83 -3.56 17.69 1.38
CA LYS A 83 -2.22 17.31 1.81
C LYS A 83 -1.42 18.57 1.98
N SER A 84 -0.36 18.48 2.76
CA SER A 84 0.49 19.63 2.96
C SER A 84 1.90 19.20 3.38
N GLY A 85 2.83 20.13 3.16
CA GLY A 85 4.23 19.90 3.50
C GLY A 85 4.90 18.89 2.60
N GLU A 86 6.18 18.68 2.87
CA GLU A 86 6.96 17.71 2.11
C GLU A 86 7.95 17.01 3.02
N THR A 87 8.19 15.75 2.75
CA THR A 87 9.10 14.96 3.54
C THR A 87 9.61 13.84 2.67
N GLY A 88 10.39 12.94 3.25
CA GLY A 88 10.68 11.70 2.57
C GLY A 88 11.53 10.83 3.46
N ILE A 89 11.28 9.54 3.39
CA ILE A 89 12.11 8.54 4.05
C ILE A 89 12.51 7.49 3.04
N GLU A 90 13.42 6.63 3.45
CA GLU A 90 13.80 5.47 2.67
C GLU A 90 12.68 4.46 2.70
N GLU A 91 11.92 4.33 1.62
CA GLU A 91 10.78 3.42 1.56
C GLU A 91 11.21 2.10 0.96
N GLY A 92 10.63 1.01 1.47
CA GLY A 92 10.65 -0.28 0.82
C GLY A 92 9.24 -0.69 0.42
N CYS A 93 9.14 -1.80 -0.31
CA CYS A 93 7.87 -2.26 -0.86
C CYS A 93 7.93 -3.78 -0.94
N LEU A 94 6.86 -4.45 -0.47
CA LEU A 94 6.83 -5.92 -0.55
C LEU A 94 6.84 -6.41 -1.99
N SER A 95 6.42 -5.55 -2.92
CA SER A 95 6.43 -5.90 -4.35
C SER A 95 7.77 -5.62 -5.02
N ILE A 96 8.71 -5.01 -4.31
CA ILE A 96 10.04 -4.65 -4.84
C ILE A 96 11.07 -5.16 -3.83
N PRO A 97 11.21 -6.48 -3.69
CA PRO A 97 11.95 -7.01 -2.55
C PRO A 97 13.39 -6.52 -2.47
N GLU A 98 13.78 -6.15 -1.25
CA GLU A 98 15.14 -5.80 -0.82
C GLU A 98 15.65 -4.48 -1.37
N GLN A 99 14.79 -3.65 -1.94
CA GLN A 99 15.21 -2.35 -2.47
C GLN A 99 14.57 -1.23 -1.65
N ARG A 100 15.33 -0.15 -1.44
CA ARG A 100 14.85 1.00 -0.70
C ARG A 100 15.34 2.26 -1.40
N ALA A 101 14.54 3.32 -1.30
CA ALA A 101 14.95 4.61 -1.85
C ALA A 101 14.16 5.72 -1.19
N LEU A 102 14.77 6.90 -1.10
CA LEU A 102 14.04 8.06 -0.59
C LEU A 102 13.10 8.60 -1.64
N VAL A 103 11.84 8.82 -1.26
CA VAL A 103 10.73 9.21 -2.15
C VAL A 103 10.14 10.51 -1.59
N PRO A 104 9.97 11.60 -2.39
CA PRO A 104 9.23 12.76 -1.87
C PRO A 104 7.78 12.41 -1.59
N ARG A 105 7.28 12.86 -0.46
CA ARG A 105 5.91 12.64 -0.04
C ARG A 105 5.38 13.89 0.63
N ALA A 106 4.04 14.02 0.67
CA ALA A 106 3.43 15.02 1.55
C ALA A 106 3.74 14.65 3.00
N GLU A 107 3.94 15.66 3.85
CA GLU A 107 4.13 15.42 5.28
C GLU A 107 2.84 15.12 6.01
N LYS A 108 1.76 15.73 5.62
CA LYS A 108 0.45 15.57 6.22
C LYS A 108 -0.57 15.25 5.16
N VAL A 109 -1.51 14.35 5.48
CA VAL A 109 -2.64 14.06 4.59
C VAL A 109 -3.93 14.03 5.39
N LYS A 110 -5.04 14.39 4.74
CA LYS A 110 -6.38 14.25 5.29
C LYS A 110 -7.12 13.38 4.30
N ILE A 111 -7.60 12.23 4.78
CA ILE A 111 -8.30 11.29 3.92
C ILE A 111 -9.67 10.94 4.47
N ARG A 112 -10.56 10.51 3.58
CA ARG A 112 -11.82 9.86 3.98
C ARG A 112 -11.81 8.46 3.38
N ALA A 113 -12.42 7.52 4.11
CA ALA A 113 -12.48 6.14 3.64
C ALA A 113 -13.62 5.46 4.37
N LEU A 114 -13.88 4.23 3.98
CA LEU A 114 -14.76 3.34 4.74
C LEU A 114 -13.88 2.39 5.55
N ASP A 115 -14.33 2.09 6.78
CA ASP A 115 -13.66 1.11 7.62
C ASP A 115 -14.18 -0.30 7.32
N ARG A 116 -13.68 -1.28 8.08
CA ARG A 116 -14.05 -2.68 7.83
C ARG A 116 -15.54 -2.94 8.01
N ASP A 117 -16.24 -2.11 8.77
CA ASP A 117 -17.69 -2.25 8.96
C ASP A 117 -18.46 -1.48 7.89
N GLY A 118 -17.77 -0.80 6.96
CA GLY A 118 -18.46 0.05 5.99
C GLY A 118 -18.75 1.46 6.47
N LYS A 119 -18.26 1.84 7.64
CA LYS A 119 -18.58 3.15 8.18
C LYS A 119 -17.59 4.17 7.63
N PRO A 120 -18.08 5.31 7.13
CA PRO A 120 -17.16 6.37 6.71
C PRO A 120 -16.46 7.00 7.90
N PHE A 121 -15.23 7.42 7.65
CA PHE A 121 -14.46 8.14 8.64
C PHE A 121 -13.47 9.04 7.92
N GLU A 122 -12.93 9.97 8.67
CA GLU A 122 -11.92 10.91 8.21
C GLU A 122 -10.70 10.78 9.12
N LEU A 123 -9.54 10.89 8.52
CA LEU A 123 -8.30 10.72 9.25
C LEU A 123 -7.32 11.79 8.82
N GLU A 124 -6.74 12.49 9.79
N GLU A 124 -6.75 12.51 9.79
CA GLU A 124 -5.59 13.36 9.55
CA GLU A 124 -5.58 13.34 9.57
C GLU A 124 -4.34 12.64 10.06
C GLU A 124 -4.37 12.57 10.04
N ALA A 125 -3.39 12.42 9.17
CA ALA A 125 -2.17 11.72 9.50
C ALA A 125 -0.95 12.56 9.12
N ASP A 126 0.11 12.34 9.86
CA ASP A 126 1.40 12.93 9.55
C ASP A 126 2.49 11.90 9.67
N GLY A 127 3.68 12.30 9.26
CA GLY A 127 4.82 11.46 9.47
C GLY A 127 4.76 10.12 8.76
N LEU A 128 5.22 9.08 9.48
CA LEU A 128 5.25 7.74 8.90
C LEU A 128 3.88 7.31 8.39
N LEU A 129 2.82 7.50 9.20
CA LEU A 129 1.50 7.07 8.77
C LEU A 129 1.08 7.77 7.49
N ALA A 130 1.35 9.08 7.37
CA ALA A 130 0.99 9.79 6.14
C ALA A 130 1.74 9.23 4.93
N ILE A 131 3.03 8.92 5.11
CA ILE A 131 3.85 8.35 4.06
C ILE A 131 3.27 7.00 3.63
N CYS A 132 2.95 6.14 4.60
N CYS A 132 2.97 6.14 4.61
CA CYS A 132 2.42 4.84 4.27
CA CYS A 132 2.38 4.84 4.31
C CYS A 132 1.08 4.95 3.54
C CYS A 132 1.09 4.98 3.50
N ILE A 133 0.20 5.86 3.96
CA ILE A 133 -1.06 6.06 3.27
C ILE A 133 -0.84 6.41 1.80
N GLN A 134 0.09 7.34 1.53
CA GLN A 134 0.37 7.73 0.14
C GLN A 134 0.96 6.57 -0.66
N HIS A 135 1.87 5.81 -0.06
CA HIS A 135 2.43 4.65 -0.73
C HIS A 135 1.34 3.64 -1.11
N GLU A 136 0.42 3.35 -0.19
CA GLU A 136 -0.61 2.37 -0.48
C GLU A 136 -1.63 2.90 -1.48
N MET A 137 -2.03 4.18 -1.36
CA MET A 137 -2.95 4.74 -2.35
C MET A 137 -2.34 4.70 -3.73
N ASP A 138 -1.01 4.94 -3.82
CA ASP A 138 -0.35 4.82 -5.11
C ASP A 138 -0.55 3.43 -5.69
N HIS A 139 -0.44 2.40 -4.88
CA HIS A 139 -0.61 1.05 -5.42
C HIS A 139 -1.96 0.87 -6.08
N LEU A 140 -3.00 1.48 -5.51
CA LEU A 140 -4.33 1.27 -6.05
C LEU A 140 -4.49 1.88 -7.44
N VAL A 141 -3.62 2.81 -7.85
CA VAL A 141 -3.67 3.37 -9.20
C VAL A 141 -2.45 2.92 -9.99
N GLY A 142 -1.86 1.79 -9.62
CA GLY A 142 -0.81 1.19 -10.44
C GLY A 142 0.54 1.88 -10.36
N LYS A 143 0.80 2.60 -9.30
CA LYS A 143 2.01 3.38 -9.10
C LYS A 143 2.86 2.76 -8.00
N LEU A 144 4.16 2.73 -8.23
CA LEU A 144 5.17 2.15 -7.35
C LEU A 144 6.15 3.23 -6.93
N PHE A 145 6.81 3.06 -5.79
CA PHE A 145 7.67 4.14 -5.32
C PHE A 145 8.82 4.38 -6.29
N MET A 146 9.24 3.34 -7.02
CA MET A 146 10.36 3.46 -7.95
C MET A 146 10.02 4.41 -9.07
N ASP A 147 8.74 4.69 -9.31
CA ASP A 147 8.32 5.62 -10.38
C ASP A 147 8.75 7.06 -10.15
N TYR A 148 9.11 7.41 -8.92
CA TYR A 148 9.55 8.74 -8.56
C TYR A 148 11.04 8.90 -8.80
N LEU A 149 11.73 7.82 -9.16
CA LEU A 149 13.17 7.76 -9.37
C LEU A 149 13.52 7.93 -10.86
N SER A 150 14.79 8.09 -11.10
CA SER A 150 15.20 8.25 -12.49
C SER A 150 15.01 6.95 -13.27
N PRO A 151 14.92 7.02 -14.62
CA PRO A 151 14.78 5.77 -15.40
C PRO A 151 15.90 4.75 -15.19
N LEU A 152 17.14 5.22 -14.98
CA LEU A 152 18.22 4.29 -14.77
C LEU A 152 18.11 3.61 -13.41
N LYS A 153 17.70 4.37 -12.38
CA LYS A 153 17.55 3.71 -11.09
C LYS A 153 16.42 2.71 -11.12
N GLN A 154 15.37 3.01 -11.88
CA GLN A 154 14.29 2.05 -12.08
C GLN A 154 14.82 0.76 -12.73
N GLN A 155 15.65 0.86 -13.77
CA GLN A 155 16.16 -0.34 -14.41
C GLN A 155 17.08 -1.13 -13.47
N ARG A 156 17.93 -0.45 -12.71
CA ARG A 156 18.74 -1.13 -11.70
C ARG A 156 17.88 -1.87 -10.68
N ILE A 157 16.79 -1.26 -10.24
CA ILE A 157 15.89 -1.94 -9.30
C ILE A 157 15.28 -3.16 -9.96
N ARG A 158 14.83 -3.01 -11.22
CA ARG A 158 14.13 -4.09 -11.91
C ARG A 158 15.02 -5.31 -12.08
N GLN A 159 16.29 -5.08 -12.38
CA GLN A 159 17.21 -6.18 -12.62
C GLN A 159 17.62 -6.88 -11.32
N LYS A 160 17.74 -6.12 -10.22
CA LYS A 160 18.07 -6.74 -8.95
C LYS A 160 16.89 -7.56 -8.43
N VAL A 161 15.68 -7.05 -8.54
CA VAL A 161 14.54 -7.85 -8.11
C VAL A 161 14.43 -9.11 -8.96
N GLU A 162 14.65 -8.99 -10.27
CA GLU A 162 14.56 -10.15 -11.15
C GLU A 162 15.62 -11.19 -10.78
N LYS A 163 16.87 -10.75 -10.58
CA LYS A 163 17.89 -11.65 -10.07
C LYS A 163 17.42 -12.39 -8.83
N LEU A 164 16.89 -11.65 -7.84
CA LEU A 164 16.44 -12.28 -6.61
C LEU A 164 15.34 -13.28 -6.88
N ASP A 165 14.37 -12.93 -7.75
CA ASP A 165 13.25 -13.82 -8.01
C ASP A 165 13.68 -15.05 -8.80
N ARG A 166 14.73 -14.94 -9.62
CA ARG A 166 15.30 -16.08 -10.34
C ARG A 166 16.26 -16.82 -9.40
N LEU A 167 15.68 -17.47 -8.39
CA LEU A 167 16.42 -18.29 -7.44
C LEU A 167 15.52 -19.38 -6.86
C1 VLK B . 7.25 3.29 4.34
C2 VLK B . 6.11 3.39 3.35
C6 VLK B . 5.56 -1.56 2.68
C5 VLK B . 4.78 -0.29 3.05
C4 VLK B . 5.70 0.87 3.37
C3 VLK B . 5.08 2.27 3.46
C11 VLK B . 9.67 -1.12 4.98
C10 VLK B . 8.70 -2.27 4.72
C8 VLK B . 2.96 -1.90 0.80
C18 VLK B . 8.41 -4.73 4.36
C17 VLK B . 9.42 -3.58 4.33
C19 VLK B . 10.10 -3.49 2.99
C7 VLK B . 4.67 -2.74 2.31
C9 VLK B . 6.44 -2.00 3.84
N1 VLK B . 4.11 -2.43 1.01
N2 VLK B . 7.75 -1.84 3.70
N3 VLK B . 10.39 -1.18 6.12
O1 VLK B . 4.86 -2.60 -0.15
O2 VLK B . 2.68 -1.46 -0.27
O3 VLK B . 5.94 -2.47 4.84
O4 VLK B . 9.79 -0.19 4.19
H1 VLK B . 7.84 4.06 4.23
H2 VLK B . 7.75 2.47 4.17
H3 VLK B . 6.90 3.28 5.25
H5 VLK B . 5.65 4.25 3.49
H4 VLK B . 6.47 3.39 2.45
H12 VLK B . 6.09 -1.32 1.88
H10 VLK B . 4.21 -0.48 3.82
H11 VLK B . 4.20 -0.05 2.30
H8 VLK B . 6.40 0.90 2.69
H9 VLK B . 6.12 0.69 4.23
H6 VLK B . 4.61 2.36 4.30
H7 VLK B . 4.43 2.38 2.73
H18 VLK B . 8.20 -2.44 5.56
H16 VLK B . 2.34 -1.86 1.53
H31 VLK B . 8.03 -4.81 5.25
H30 VLK B . 8.86 -5.55 4.12
H32 VLK B . 7.70 -4.55 3.72
H29 VLK B . 10.13 -3.76 5.00
H35 VLK B . 9.44 -3.31 2.30
H33 VLK B . 10.54 -4.35 2.79
H34 VLK B . 10.77 -2.78 3.00
H14 VLK B . 3.95 -2.85 2.98
H13 VLK B . 5.18 -3.58 2.28
H17 VLK B . 8.06 -1.46 2.98
H15 VLK B . 4.30 -2.67 -0.85
ZN ZN C . 4.36 -1.16 -1.57
#